data_6M9M
#
_entry.id   6M9M
#
_cell.length_a   60.152
_cell.length_b   63.041
_cell.length_c   65.546
_cell.angle_alpha   90.000
_cell.angle_beta   90.000
_cell.angle_gamma   90.000
#
_symmetry.space_group_name_H-M   'P 21 21 21'
#
loop_
_entity.id
_entity.type
_entity.pdbx_description
1 polymer AlkD2
2 non-polymer 'INOSINIC ACID'
3 non-polymer 'CHLORIDE ION'
4 water water
#
_entity_poly.entity_id   1
_entity_poly.type   'polypeptide(L)'
_entity_poly.pdbx_seq_one_letter_code
;SMKQYVARLEKDFSLIEHGFKEEEQRALTDYKSNDGEYIKKLAFLAYQSDVYQVRMYAVFLFGYLSKDKEILIFMRDEVS
KDNNWRVQEVLAKAFDEFCKKIGYKKALPIIDEWLKSSNLHTRRAATEGLRIWTNRPYFKENPNEAIRRIADLKEDVSEY
VRKSVGNALRDISKKFPDLVKIELKNWKLESKEINQVYKLASKFIDA
;
_entity_poly.pdbx_strand_id   A
#
loop_
_chem_comp.id
_chem_comp.type
_chem_comp.name
_chem_comp.formula
CL non-polymer 'CHLORIDE ION' 'Cl -1'
IMP non-polymer 'INOSINIC ACID' 'C10 H13 N4 O8 P'
#
# COMPACT_ATOMS: atom_id res chain seq x y z
N SER A 1 -18.57 -4.01 -25.66
CA SER A 1 -18.18 -5.32 -25.09
C SER A 1 -17.36 -5.13 -23.82
N MET A 2 -16.30 -4.33 -23.92
CA MET A 2 -15.59 -3.93 -22.71
C MET A 2 -16.53 -3.18 -21.77
N LYS A 3 -17.36 -2.29 -22.33
CA LYS A 3 -18.39 -1.63 -21.53
C LYS A 3 -19.37 -2.63 -20.95
N GLN A 4 -19.79 -3.63 -21.74
CA GLN A 4 -20.68 -4.66 -21.24
C GLN A 4 -20.03 -5.42 -20.08
N TYR A 5 -18.72 -5.69 -20.19
CA TYR A 5 -18.07 -6.44 -19.14
C TYR A 5 -18.02 -5.62 -17.85
N VAL A 6 -17.71 -4.32 -17.94
CA VAL A 6 -17.75 -3.47 -16.75
C VAL A 6 -19.14 -3.48 -16.14
N ALA A 7 -20.18 -3.47 -16.98
CA ALA A 7 -21.56 -3.53 -16.46
C ALA A 7 -21.81 -4.84 -15.72
N ARG A 8 -21.26 -5.96 -16.21
CA ARG A 8 -21.41 -7.22 -15.49
C ARG A 8 -20.68 -7.19 -14.16
N LEU A 9 -19.46 -6.64 -14.12
CA LEU A 9 -18.74 -6.50 -12.85
C LEU A 9 -19.54 -5.68 -11.86
N GLU A 10 -20.20 -4.60 -12.32
CA GLU A 10 -20.99 -3.78 -11.42
C GLU A 10 -22.14 -4.59 -10.83
N LYS A 11 -22.82 -5.38 -11.65
CA LYS A 11 -23.88 -6.24 -11.13
C LYS A 11 -23.34 -7.26 -10.15
N ASP A 12 -22.19 -7.87 -10.48
CA ASP A 12 -21.65 -8.93 -9.64
C ASP A 12 -21.18 -8.40 -8.28
N PHE A 13 -20.63 -7.18 -8.23
CA PHE A 13 -19.90 -6.74 -7.05
C PHE A 13 -20.58 -5.67 -6.21
N SER A 14 -21.62 -4.99 -6.71
CA SER A 14 -22.06 -3.78 -6.04
C SER A 14 -22.73 -4.02 -4.69
N LEU A 15 -23.14 -5.24 -4.39
CA LEU A 15 -23.80 -5.54 -3.12
C LEU A 15 -22.86 -6.14 -2.07
N ILE A 16 -21.58 -6.37 -2.42
CA ILE A 16 -20.62 -6.90 -1.46
C ILE A 16 -20.30 -5.81 -0.45
N GLU A 17 -20.48 -6.12 0.83
CA GLU A 17 -20.31 -5.12 1.89
C GLU A 17 -19.03 -5.30 2.67
N HIS A 18 -18.33 -6.43 2.52
CA HIS A 18 -17.12 -6.71 3.29
C HIS A 18 -16.17 -7.54 2.45
N GLY A 19 -14.88 -7.40 2.75
CA GLY A 19 -13.87 -8.22 2.12
C GLY A 19 -13.38 -7.66 0.80
N PHE A 20 -12.40 -8.37 0.24
CA PHE A 20 -11.83 -8.00 -1.05
C PHE A 20 -11.47 -9.20 -1.90
N LYS A 21 -11.62 -10.42 -1.41
CA LYS A 21 -11.09 -11.56 -2.16
C LYS A 21 -11.84 -11.82 -3.45
N GLU A 22 -13.14 -11.52 -3.53
CA GLU A 22 -13.86 -11.77 -4.78
C GLU A 22 -13.34 -10.87 -5.90
N GLU A 23 -13.13 -9.58 -5.60
CA GLU A 23 -12.61 -8.67 -6.60
C GLU A 23 -11.18 -9.05 -6.99
N GLU A 24 -10.36 -9.41 -6.01
CA GLU A 24 -8.99 -9.81 -6.27
C GLU A 24 -8.94 -11.02 -7.18
N GLN A 25 -9.72 -12.06 -6.88
CA GLN A 25 -9.65 -13.27 -7.70
C GLN A 25 -10.12 -13.02 -9.12
N ARG A 26 -11.17 -12.20 -9.29
CA ARG A 26 -11.61 -11.88 -10.65
C ARG A 26 -10.52 -11.13 -11.41
N ALA A 27 -9.89 -10.15 -10.76
CA ALA A 27 -8.80 -9.42 -11.41
C ALA A 27 -7.66 -10.35 -11.79
N LEU A 28 -7.26 -11.25 -10.89
CA LEU A 28 -6.16 -12.17 -11.19
C LEU A 28 -6.50 -13.02 -12.40
N THR A 29 -7.71 -13.59 -12.44
CA THR A 29 -8.12 -14.40 -13.58
C THR A 29 -8.07 -13.61 -14.87
N ASP A 30 -8.60 -12.39 -14.86
CA ASP A 30 -8.67 -11.61 -16.09
C ASP A 30 -7.28 -11.16 -16.54
N TYR A 31 -6.41 -10.82 -15.59
CA TYR A 31 -5.04 -10.48 -15.92
C TYR A 31 -4.31 -11.64 -16.60
N LYS A 32 -4.53 -12.87 -16.12
CA LYS A 32 -3.78 -14.00 -16.63
C LYS A 32 -4.25 -14.46 -17.99
N SER A 33 -5.49 -14.16 -18.37
CA SER A 33 -6.09 -14.76 -19.54
C SER A 33 -6.18 -13.81 -20.73
N ASN A 34 -5.61 -12.62 -20.64
CA ASN A 34 -5.69 -11.67 -21.74
C ASN A 34 -4.37 -10.92 -21.86
N ASP A 35 -4.12 -10.40 -23.06
CA ASP A 35 -2.94 -9.56 -23.29
C ASP A 35 -2.98 -8.30 -22.44
N GLY A 36 -1.80 -7.89 -21.97
CA GLY A 36 -1.68 -6.76 -21.08
C GLY A 36 -2.16 -5.44 -21.66
N GLU A 37 -1.96 -5.22 -22.97
CA GLU A 37 -2.38 -3.93 -23.52
C GLU A 37 -3.91 -3.81 -23.52
N TYR A 38 -4.62 -4.92 -23.74
CA TYR A 38 -6.08 -4.93 -23.59
C TYR A 38 -6.49 -4.72 -22.13
N ILE A 39 -5.85 -5.43 -21.20
CA ILE A 39 -6.22 -5.34 -19.78
C ILE A 39 -5.96 -3.95 -19.23
N LYS A 40 -4.95 -3.23 -19.74
CA LYS A 40 -4.75 -1.84 -19.33
C LYS A 40 -5.97 -0.99 -19.65
N LYS A 41 -6.51 -1.15 -20.87
CA LYS A 41 -7.70 -0.39 -21.25
C LYS A 41 -8.89 -0.76 -20.35
N LEU A 42 -9.05 -2.05 -20.07
CA LEU A 42 -10.11 -2.48 -19.17
C LEU A 42 -9.94 -1.90 -17.77
N ALA A 43 -8.71 -1.89 -17.24
CA ALA A 43 -8.49 -1.36 -15.90
C ALA A 43 -8.87 0.12 -15.82
N PHE A 44 -8.45 0.93 -16.81
CA PHE A 44 -8.82 2.33 -16.77
C PHE A 44 -10.32 2.53 -16.87
N LEU A 45 -10.99 1.74 -17.71
CA LEU A 45 -12.44 1.88 -17.82
C LEU A 45 -13.12 1.46 -16.53
N ALA A 46 -12.69 0.35 -15.93
CA ALA A 46 -13.29 -0.08 -14.68
C ALA A 46 -13.06 0.92 -13.55
N TYR A 47 -11.90 1.57 -13.53
CA TYR A 47 -11.59 2.52 -12.47
C TYR A 47 -12.49 3.75 -12.53
N GLN A 48 -13.13 4.01 -13.66
CA GLN A 48 -14.08 5.10 -13.72
C GLN A 48 -15.46 4.75 -13.18
N SER A 49 -15.69 3.50 -12.82
CA SER A 49 -17.00 3.10 -12.31
C SER A 49 -17.36 3.87 -11.06
N ASP A 50 -18.64 4.19 -10.93
CA ASP A 50 -19.18 4.73 -9.68
C ASP A 50 -19.51 3.62 -8.67
N VAL A 51 -19.17 2.38 -8.98
CA VAL A 51 -19.30 1.26 -8.05
C VAL A 51 -17.92 1.01 -7.45
N TYR A 52 -17.76 1.31 -6.16
CA TYR A 52 -16.40 1.29 -5.59
C TYR A 52 -15.79 -0.12 -5.64
N GLN A 53 -16.62 -1.16 -5.58
CA GLN A 53 -16.10 -2.52 -5.67
C GLN A 53 -15.48 -2.80 -7.03
N VAL A 54 -16.01 -2.19 -8.10
CA VAL A 54 -15.40 -2.33 -9.42
C VAL A 54 -14.10 -1.54 -9.49
N ARG A 55 -14.03 -0.39 -8.81
CA ARG A 55 -12.75 0.30 -8.70
C ARG A 55 -11.72 -0.53 -7.94
N MET A 56 -12.16 -1.26 -6.90
CA MET A 56 -11.25 -2.19 -6.22
C MET A 56 -10.66 -3.21 -7.19
N TYR A 57 -11.53 -3.85 -7.98
CA TYR A 57 -11.09 -4.76 -9.04
C TYR A 57 -10.06 -4.09 -9.95
N ALA A 58 -10.34 -2.86 -10.37
CA ALA A 58 -9.45 -2.15 -11.27
C ALA A 58 -8.09 -1.91 -10.65
N VAL A 59 -8.06 -1.57 -9.36
CA VAL A 59 -6.79 -1.31 -8.67
C VAL A 59 -5.99 -2.59 -8.50
N PHE A 60 -6.65 -3.73 -8.25
CA PHE A 60 -5.92 -4.99 -8.30
C PHE A 60 -5.28 -5.18 -9.69
N LEU A 61 -6.03 -4.91 -10.76
CA LEU A 61 -5.45 -4.99 -12.10
C LEU A 61 -4.25 -4.08 -12.26
N PHE A 62 -4.36 -2.83 -11.79
CA PHE A 62 -3.22 -1.92 -11.87
C PHE A 62 -2.00 -2.53 -11.19
N GLY A 63 -2.18 -3.12 -10.00
CA GLY A 63 -1.08 -3.81 -9.34
C GLY A 63 -0.43 -4.85 -10.21
N TYR A 64 -1.23 -5.70 -10.86
CA TYR A 64 -0.67 -6.74 -11.72
C TYR A 64 0.04 -6.15 -12.93
N LEU A 65 -0.40 -4.99 -13.40
CA LEU A 65 0.09 -4.32 -14.59
C LEU A 65 1.21 -3.31 -14.32
N SER A 66 1.63 -3.19 -13.07
CA SER A 66 2.42 -2.05 -12.61
C SER A 66 3.87 -2.05 -13.09
N LYS A 67 4.34 -3.06 -13.81
CA LYS A 67 5.62 -2.93 -14.51
C LYS A 67 5.59 -1.78 -15.51
N ASP A 68 4.41 -1.45 -16.04
CA ASP A 68 4.23 -0.29 -16.91
C ASP A 68 4.24 0.97 -16.04
N LYS A 69 5.26 1.81 -16.24
CA LYS A 69 5.42 3.00 -15.42
C LYS A 69 4.20 3.92 -15.49
N GLU A 70 3.48 3.96 -16.62
CA GLU A 70 2.29 4.80 -16.66
C GLU A 70 1.20 4.30 -15.73
N ILE A 71 1.08 2.98 -15.56
CA ILE A 71 0.13 2.43 -14.60
CA ILE A 71 0.13 2.45 -14.60
C ILE A 71 0.58 2.77 -13.18
N LEU A 72 1.87 2.57 -12.89
CA LEU A 72 2.37 2.86 -11.54
C LEU A 72 2.18 4.33 -11.18
N ILE A 73 2.44 5.26 -12.12
CA ILE A 73 2.21 6.68 -11.86
C ILE A 73 0.73 6.95 -11.60
N PHE A 74 -0.17 6.32 -12.38
CA PHE A 74 -1.60 6.51 -12.14
C PHE A 74 -2.00 6.02 -10.75
N MET A 75 -1.44 4.90 -10.30
CA MET A 75 -1.66 4.45 -8.93
C MET A 75 -1.18 5.49 -7.93
N ARG A 76 0.05 5.98 -8.12
CA ARG A 76 0.68 6.90 -7.17
C ARG A 76 -0.09 8.19 -7.05
N ASP A 77 -0.54 8.74 -8.18
CA ASP A 77 -1.03 10.11 -8.21
C ASP A 77 -2.53 10.24 -8.38
N GLU A 78 -3.21 9.24 -8.95
CA GLU A 78 -4.64 9.33 -9.21
C GLU A 78 -5.47 8.40 -8.34
N VAL A 79 -5.11 7.11 -8.24
CA VAL A 79 -5.86 6.22 -7.34
C VAL A 79 -5.78 6.75 -5.91
N SER A 80 -4.65 7.35 -5.54
CA SER A 80 -4.47 7.91 -4.22
C SER A 80 -5.48 9.01 -3.89
N LYS A 81 -6.19 9.57 -4.86
CA LYS A 81 -7.25 10.54 -4.61
C LYS A 81 -8.60 9.90 -4.28
N ASP A 82 -8.73 8.58 -4.35
CA ASP A 82 -10.03 7.95 -4.20
C ASP A 82 -10.62 8.25 -2.83
N ASN A 83 -11.90 8.64 -2.81
CA ASN A 83 -12.57 8.97 -1.56
C ASN A 83 -13.12 7.76 -0.82
N ASN A 84 -12.88 6.56 -1.30
CA ASN A 84 -13.39 5.36 -0.67
C ASN A 84 -12.26 4.62 0.04
N TRP A 85 -12.43 4.37 1.34
CA TRP A 85 -11.34 3.80 2.12
C TRP A 85 -11.06 2.36 1.73
N ARG A 86 -12.05 1.61 1.23
CA ARG A 86 -11.79 0.24 0.80
C ARG A 86 -10.93 0.22 -0.46
N VAL A 87 -11.14 1.18 -1.37
CA VAL A 87 -10.25 1.32 -2.52
C VAL A 87 -8.84 1.66 -2.06
N GLN A 88 -8.72 2.54 -1.05
CA GLN A 88 -7.40 2.86 -0.51
C GLN A 88 -6.69 1.61 0.03
N GLU A 89 -7.44 0.71 0.69
CA GLU A 89 -6.80 -0.52 1.14
C GLU A 89 -6.29 -1.35 -0.02
N VAL A 90 -7.04 -1.39 -1.13
CA VAL A 90 -6.57 -2.11 -2.30
C VAL A 90 -5.34 -1.44 -2.90
N LEU A 91 -5.28 -0.09 -2.88
CA LEU A 91 -4.08 0.59 -3.37
C LEU A 91 -2.83 0.12 -2.64
N ALA A 92 -2.90 -0.03 -1.31
CA ALA A 92 -1.77 -0.53 -0.55
C ALA A 92 -1.35 -1.93 -1.03
N LYS A 93 -2.34 -2.80 -1.28
CA LYS A 93 -2.05 -4.15 -1.77
C LYS A 93 -1.44 -4.11 -3.16
N ALA A 94 -1.95 -3.22 -4.03
CA ALA A 94 -1.41 -3.12 -5.38
C ALA A 94 0.01 -2.59 -5.36
N PHE A 95 0.34 -1.68 -4.43
CA PHE A 95 1.71 -1.23 -4.31
C PHE A 95 2.62 -2.37 -3.84
N ASP A 96 2.17 -3.16 -2.87
CA ASP A 96 2.95 -4.32 -2.47
C ASP A 96 3.15 -5.27 -3.64
N GLU A 97 2.13 -5.43 -4.49
CA GLU A 97 2.24 -6.28 -5.67
C GLU A 97 3.33 -5.79 -6.61
N PHE A 98 3.37 -4.48 -6.86
CA PHE A 98 4.45 -3.92 -7.66
C PHE A 98 5.81 -4.31 -7.09
N CYS A 99 5.98 -4.11 -5.77
CA CYS A 99 7.28 -4.35 -5.14
C CYS A 99 7.65 -5.82 -5.19
N LYS A 100 6.67 -6.70 -4.97
CA LYS A 100 6.92 -8.14 -5.04
C LYS A 100 7.36 -8.56 -6.44
N LYS A 101 6.72 -8.00 -7.47
CA LYS A 101 7.01 -8.41 -8.84
C LYS A 101 8.39 -7.95 -9.28
N ILE A 102 8.75 -6.69 -9.00
CA ILE A 102 10.07 -6.22 -9.41
C ILE A 102 11.14 -6.74 -8.47
N GLY A 103 10.80 -7.01 -7.21
CA GLY A 103 11.74 -7.39 -6.18
C GLY A 103 11.91 -6.25 -5.19
N TYR A 104 11.83 -6.54 -3.90
CA TYR A 104 11.82 -5.46 -2.91
C TYR A 104 13.09 -4.63 -2.94
N LYS A 105 14.26 -5.25 -3.07
CA LYS A 105 15.49 -4.47 -3.17
C LYS A 105 15.48 -3.59 -4.41
N LYS A 106 15.06 -4.12 -5.56
CA LYS A 106 15.01 -3.32 -6.78
C LYS A 106 13.97 -2.23 -6.69
N ALA A 107 12.95 -2.38 -5.84
CA ALA A 107 11.88 -1.42 -5.69
C ALA A 107 12.22 -0.26 -4.75
N LEU A 108 13.38 -0.28 -4.08
CA LEU A 108 13.64 0.72 -3.06
C LEU A 108 13.47 2.16 -3.55
N PRO A 109 13.94 2.55 -4.74
CA PRO A 109 13.74 3.95 -5.15
C PRO A 109 12.27 4.35 -5.25
N ILE A 110 11.42 3.41 -5.66
CA ILE A 110 9.99 3.68 -5.77
C ILE A 110 9.36 3.75 -4.38
N ILE A 111 9.71 2.82 -3.49
CA ILE A 111 9.28 2.89 -2.11
C ILE A 111 9.61 4.27 -1.54
N ASP A 112 10.85 4.71 -1.74
CA ASP A 112 11.25 6.01 -1.18
C ASP A 112 10.46 7.15 -1.80
N GLU A 113 10.19 7.07 -3.10
CA GLU A 113 9.39 8.09 -3.77
C GLU A 113 7.98 8.15 -3.19
N TRP A 114 7.34 7.00 -2.99
CA TRP A 114 5.99 7.02 -2.44
C TRP A 114 5.97 7.53 -1.00
N LEU A 115 6.97 7.15 -0.19
CA LEU A 115 7.02 7.61 1.19
C LEU A 115 7.22 9.13 1.30
N LYS A 116 7.76 9.76 0.26
CA LYS A 116 8.00 11.20 0.26
CA LYS A 116 8.00 11.20 0.26
C LYS A 116 6.97 11.97 -0.57
N SER A 117 5.94 11.30 -1.06
CA SER A 117 4.94 11.92 -1.92
C SER A 117 4.10 12.96 -1.17
N SER A 118 3.53 13.88 -1.94
CA SER A 118 2.71 14.95 -1.38
C SER A 118 1.37 14.44 -0.87
N ASN A 119 0.81 13.38 -1.45
CA ASN A 119 -0.51 12.89 -1.08
C ASN A 119 -0.35 11.92 0.08
N LEU A 120 -1.00 12.23 1.20
CA LEU A 120 -0.94 11.37 2.36
C LEU A 120 -1.37 9.94 2.04
N HIS A 121 -2.28 9.77 1.07
CA HIS A 121 -2.71 8.42 0.72
C HIS A 121 -1.62 7.64 0.00
N THR A 122 -0.76 8.32 -0.75
CA THR A 122 0.39 7.66 -1.37
C THR A 122 1.36 7.20 -0.29
N ARG A 123 1.65 8.06 0.68
CA ARG A 123 2.57 7.70 1.75
C ARG A 123 2.02 6.53 2.55
N ARG A 124 0.73 6.57 2.88
CA ARG A 124 0.12 5.50 3.68
C ARG A 124 0.06 4.20 2.89
N ALA A 125 -0.17 4.26 1.57
CA ALA A 125 -0.22 3.02 0.80
C ALA A 125 1.09 2.27 0.88
N ALA A 126 2.21 2.99 0.86
CA ALA A 126 3.51 2.33 0.97
C ALA A 126 3.76 1.82 2.39
N THR A 127 3.49 2.65 3.40
CA THR A 127 3.74 2.21 4.77
CA THR A 127 3.75 2.20 4.76
C THR A 127 2.89 1.00 5.11
N GLU A 128 1.61 1.04 4.78
CA GLU A 128 0.67 -0.02 5.13
C GLU A 128 0.83 -1.24 4.24
N GLY A 129 1.02 -1.02 2.95
CA GLY A 129 1.02 -2.13 2.00
C GLY A 129 2.15 -3.12 2.22
N LEU A 130 3.29 -2.66 2.73
CA LEU A 130 4.42 -3.53 2.98
CA LEU A 130 4.42 -3.53 2.98
C LEU A 130 4.38 -4.22 4.34
N ARG A 131 3.40 -3.90 5.21
CA ARG A 131 3.33 -4.58 6.50
C ARG A 131 3.02 -6.06 6.28
N ILE A 132 3.69 -6.95 7.03
CA ILE A 132 4.80 -6.68 7.96
C ILE A 132 6.08 -6.54 7.16
N TRP A 133 6.78 -5.40 7.27
CA TRP A 133 7.84 -5.11 6.33
C TRP A 133 8.95 -6.16 6.40
N THR A 134 9.29 -6.61 7.60
CA THR A 134 10.40 -7.54 7.80
C THR A 134 10.02 -8.99 7.51
N ASN A 135 8.79 -9.25 7.06
CA ASN A 135 8.46 -10.52 6.43
C ASN A 135 8.72 -10.53 4.93
N ARG A 136 9.04 -9.42 4.34
CA ARG A 136 9.30 -9.42 2.91
C ARG A 136 10.78 -9.60 2.64
N PRO A 137 11.10 -10.16 1.47
CA PRO A 137 12.50 -10.24 1.05
C PRO A 137 13.18 -8.87 1.13
N TYR A 138 14.50 -8.93 1.31
CA TYR A 138 15.38 -7.79 1.51
C TYR A 138 15.22 -7.19 2.90
N PHE A 139 14.01 -6.76 3.26
CA PHE A 139 13.81 -6.23 4.60
C PHE A 139 14.00 -7.27 5.68
N LYS A 140 13.67 -8.53 5.39
CA LYS A 140 13.85 -9.60 6.38
C LYS A 140 15.32 -9.74 6.74
N GLU A 141 16.20 -9.61 5.76
CA GLU A 141 17.62 -9.74 5.99
C GLU A 141 18.28 -8.44 6.42
N ASN A 142 17.58 -7.32 6.21
CA ASN A 142 18.11 -5.99 6.49
C ASN A 142 17.05 -5.18 7.24
N PRO A 143 16.68 -5.60 8.44
CA PRO A 143 15.56 -4.95 9.13
C PRO A 143 15.72 -3.46 9.35
N ASN A 144 16.94 -2.97 9.57
CA ASN A 144 17.11 -1.53 9.76
C ASN A 144 16.74 -0.75 8.50
N GLU A 145 16.80 -1.36 7.32
CA GLU A 145 16.38 -0.65 6.11
C GLU A 145 14.87 -0.42 6.09
N ALA A 146 14.11 -1.24 6.81
CA ALA A 146 12.70 -0.98 7.01
C ALA A 146 12.49 0.01 8.14
N ILE A 147 13.13 -0.23 9.29
CA ILE A 147 12.92 0.62 10.46
C ILE A 147 13.23 2.08 10.11
N ARG A 148 14.37 2.32 9.43
CA ARG A 148 14.77 3.69 9.14
C ARG A 148 13.74 4.39 8.25
N ARG A 149 13.27 3.67 7.23
CA ARG A 149 12.34 4.26 6.28
C ARG A 149 11.01 4.59 6.93
N ILE A 150 10.52 3.70 7.78
CA ILE A 150 9.23 3.91 8.45
C ILE A 150 9.37 5.05 9.47
N ALA A 151 10.44 5.01 10.27
CA ALA A 151 10.61 5.99 11.34
C ALA A 151 10.79 7.40 10.79
N ASP A 152 11.26 7.54 9.54
CA ASP A 152 11.35 8.86 8.93
C ASP A 152 10.00 9.56 8.85
N LEU A 153 8.90 8.82 8.88
CA LEU A 153 7.56 9.39 8.79
C LEU A 153 6.90 9.59 10.16
N LYS A 154 7.69 9.53 11.25
CA LYS A 154 7.13 9.68 12.59
C LYS A 154 6.57 11.08 12.87
N GLU A 155 6.97 12.08 12.08
CA GLU A 155 6.44 13.43 12.21
C GLU A 155 5.39 13.74 11.12
N ASP A 156 4.85 12.73 10.46
CA ASP A 156 3.93 12.99 9.36
C ASP A 156 2.75 13.84 9.81
N VAL A 157 2.33 14.76 8.92
CA VAL A 157 1.20 15.62 9.24
C VAL A 157 -0.12 14.87 9.32
N SER A 158 -0.23 13.69 8.72
CA SER A 158 -1.49 12.98 8.60
C SER A 158 -1.62 11.92 9.69
N GLU A 159 -2.74 11.95 10.42
CA GLU A 159 -2.98 10.92 11.43
C GLU A 159 -3.12 9.54 10.81
N TYR A 160 -3.75 9.47 9.63
CA TYR A 160 -3.89 8.21 8.90
C TYR A 160 -2.54 7.61 8.62
N VAL A 161 -1.59 8.42 8.14
CA VAL A 161 -0.24 7.96 7.94
C VAL A 161 0.39 7.51 9.26
N ARG A 162 0.28 8.36 10.30
CA ARG A 162 0.96 8.07 11.56
C ARG A 162 0.51 6.76 12.18
N LYS A 163 -0.77 6.42 12.06
CA LYS A 163 -1.24 5.14 12.61
C LYS A 163 -0.57 3.98 11.89
N SER A 164 -0.42 4.07 10.57
CA SER A 164 0.27 3.03 9.83
C SER A 164 1.76 2.97 10.19
N VAL A 165 2.39 4.12 10.36
CA VAL A 165 3.80 4.19 10.76
C VAL A 165 4.00 3.52 12.12
N GLY A 166 3.22 3.92 13.11
CA GLY A 166 3.39 3.36 14.43
C GLY A 166 3.13 1.87 14.48
N ASN A 167 2.08 1.41 13.79
CA ASN A 167 1.77 -0.01 13.77
C ASN A 167 2.78 -0.80 12.94
N ALA A 168 3.36 -0.20 11.90
CA ALA A 168 4.40 -0.89 11.14
C ALA A 168 5.65 -1.12 11.99
N LEU A 169 6.01 -0.14 12.83
CA LEU A 169 7.11 -0.35 13.77
C LEU A 169 6.74 -1.35 14.85
N ARG A 170 5.48 -1.30 15.32
CA ARG A 170 4.99 -2.28 16.29
C ARG A 170 5.12 -3.70 15.76
N ASP A 171 4.76 -3.92 14.48
CA ASP A 171 4.93 -5.24 13.88
C ASP A 171 6.39 -5.70 14.03
N ILE A 172 7.31 -4.83 13.63
CA ILE A 172 8.73 -5.19 13.59
C ILE A 172 9.26 -5.46 14.97
N SER A 173 8.77 -4.73 15.98
CA SER A 173 9.26 -4.87 17.33
C SER A 173 9.06 -6.26 17.89
N LYS A 174 8.09 -7.02 17.37
CA LYS A 174 7.79 -8.34 17.91
C LYS A 174 8.85 -9.35 17.52
N LYS A 175 9.50 -9.16 16.39
CA LYS A 175 10.56 -10.05 15.94
C LYS A 175 11.95 -9.45 16.06
N PHE A 176 12.06 -8.12 16.11
CA PHE A 176 13.34 -7.43 16.23
C PHE A 176 13.27 -6.41 17.35
N PRO A 177 12.98 -6.87 18.57
CA PRO A 177 12.83 -5.91 19.67
C PRO A 177 14.09 -5.11 19.92
N ASP A 178 15.26 -5.74 19.78
CA ASP A 178 16.52 -5.03 20.02
C ASP A 178 16.65 -3.84 19.07
N LEU A 179 16.36 -4.05 17.79
CA LEU A 179 16.56 -2.98 16.82
C LEU A 179 15.54 -1.86 16.97
N VAL A 180 14.28 -2.21 17.28
CA VAL A 180 13.29 -1.15 17.45
C VAL A 180 13.60 -0.34 18.71
N LYS A 181 14.04 -1.00 19.78
CA LYS A 181 14.42 -0.28 21.00
C LYS A 181 15.52 0.74 20.70
N ILE A 182 16.55 0.34 19.95
CA ILE A 182 17.62 1.26 19.61
C ILE A 182 17.08 2.46 18.83
N GLU A 183 16.21 2.21 17.85
CA GLU A 183 15.64 3.32 17.09
C GLU A 183 14.86 4.27 17.99
N LEU A 184 13.96 3.72 18.82
CA LEU A 184 13.09 4.57 19.63
C LEU A 184 13.86 5.36 20.66
N LYS A 185 14.95 4.80 21.18
CA LYS A 185 15.73 5.51 22.20
C LYS A 185 16.27 6.83 21.68
N ASN A 186 16.46 6.95 20.36
CA ASN A 186 17.00 8.18 19.78
C ASN A 186 15.95 9.26 19.55
N TRP A 187 14.67 8.96 19.74
CA TRP A 187 13.62 9.93 19.45
C TRP A 187 13.51 10.95 20.58
N LYS A 188 13.35 12.21 20.20
CA LYS A 188 13.04 13.30 21.13
C LYS A 188 11.53 13.52 21.09
N LEU A 189 10.83 13.18 22.18
CA LEU A 189 9.37 13.05 22.16
C LEU A 189 8.66 14.38 22.45
N GLU A 190 8.81 15.30 21.52
CA GLU A 190 8.31 16.65 21.65
C GLU A 190 6.93 16.85 21.01
N SER A 191 6.79 16.51 19.75
CA SER A 191 5.55 16.86 19.04
C SER A 191 4.41 15.92 19.42
N LYS A 192 3.18 16.40 19.16
CA LYS A 192 2.02 15.54 19.26
C LYS A 192 2.17 14.32 18.36
N GLU A 193 2.66 14.56 17.15
CA GLU A 193 2.80 13.52 16.14
C GLU A 193 3.72 12.40 16.60
N ILE A 194 4.92 12.75 17.08
CA ILE A 194 5.88 11.70 17.43
C ILE A 194 5.41 10.91 18.64
N ASN A 195 4.70 11.57 19.56
CA ASN A 195 4.20 10.85 20.73
C ASN A 195 3.12 9.85 20.36
N GLN A 196 2.28 10.20 19.38
CA GLN A 196 1.29 9.24 18.91
C GLN A 196 1.95 8.00 18.33
N VAL A 197 2.96 8.20 17.49
CA VAL A 197 3.66 7.09 16.86
C VAL A 197 4.42 6.28 17.90
N TYR A 198 5.09 6.97 18.84
CA TYR A 198 5.86 6.28 19.86
C TYR A 198 5.00 5.34 20.68
N LYS A 199 3.80 5.78 21.08
CA LYS A 199 2.94 4.91 21.89
C LYS A 199 2.59 3.64 21.13
N LEU A 200 2.26 3.75 19.84
CA LEU A 200 1.93 2.56 19.07
C LEU A 200 3.14 1.64 18.94
N ALA A 201 4.32 2.22 18.71
CA ALA A 201 5.50 1.44 18.38
C ALA A 201 6.17 0.76 19.57
N SER A 202 5.86 1.20 20.79
CA SER A 202 6.67 0.85 21.95
C SER A 202 6.03 -0.15 22.91
N LYS A 203 4.83 -0.66 22.60
CA LYS A 203 4.12 -1.51 23.55
C LYS A 203 4.94 -2.73 23.98
N PHE A 204 5.70 -3.32 23.06
CA PHE A 204 6.40 -4.57 23.33
C PHE A 204 7.90 -4.37 23.52
N ILE A 205 8.31 -3.16 23.87
CA ILE A 205 9.72 -2.82 24.07
C ILE A 205 9.94 -2.54 25.54
N ASP A 206 10.97 -3.14 26.10
CA ASP A 206 11.43 -2.86 27.46
C ASP A 206 12.41 -1.69 27.35
N ALA A 207 11.85 -0.49 27.30
CA ALA A 207 12.64 0.72 27.02
C ALA A 207 13.70 0.96 28.08
P IMP B . -14.20 -5.80 6.53
O1P IMP B . -14.47 -7.23 6.97
O2P IMP B . -15.40 -4.93 6.85
O3P IMP B . -13.93 -5.78 4.96
O5' IMP B . -12.95 -5.31 7.35
C5' IMP B . -12.39 -4.01 7.13
C4' IMP B . -12.03 -3.39 8.45
O4' IMP B . -11.32 -2.30 8.29
C3' IMP B . -13.40 -2.94 9.24
O3' IMP B . -13.27 -3.23 10.70
C2' IMP B . -13.50 -1.70 9.07
O2' IMP B . -14.31 -1.10 10.19
C1' IMP B . -12.00 -1.21 9.13
N9 IMP B . -11.67 -0.03 8.64
C8 IMP B . -10.49 0.50 8.25
N7 IMP B . -10.71 1.78 7.86
C5 IMP B . -12.03 2.05 8.02
C6 IMP B . -12.75 3.22 7.77
O6 IMP B . -12.03 4.38 7.25
N1 IMP B . -14.06 3.27 8.01
C2 IMP B . -14.69 2.16 8.50
N3 IMP B . -13.98 1.01 8.75
C4 IMP B . -12.64 0.95 8.52
H5'1 IMP B . -11.58 -4.09 6.58
H5'2 IMP B . -13.05 -3.45 6.68
H4' IMP B . -11.52 -4.03 8.99
H3' IMP B . -14.18 -3.39 8.87
HO3' IMP B . -14.06 -3.41 11.04
H2' IMP B . -13.91 -1.47 8.22
HO2' IMP B . -15.14 -0.90 9.89
H1' IMP B . -11.77 -1.13 10.07
H8 IMP B . -9.64 0.04 8.25
H2 IMP B . -15.65 2.18 8.68
CL CL C . 3.19 -10.07 6.37
#